data_3IQ2
#
_entry.id   3IQ2
#
_cell.length_a   57.300
_cell.length_b   57.300
_cell.length_c   97.100
_cell.angle_alpha   90.00
_cell.angle_beta   90.00
_cell.angle_gamma   120.00
#
_symmetry.space_group_name_H-M   'P 32'
#
loop_
_entity.id
_entity.type
_entity.pdbx_description
1 polymer 'Sorting nexin-7'
2 non-polymer GLYCEROL
3 non-polymer 'SULFATE ION'
4 water water
#
_entity_poly.entity_id   1
_entity_poly.type   'polypeptide(L)'
_entity_poly.pdbx_seq_one_letter_code
;MDEPDLKDLFITVDEPESHVTTIETFITYRIITKTSRGEFDSSEFEVRRRYQDFLWLKGKLEEAHPTLIIPPLPEKFIVK
GMVERFNDDFIETRRKALHKFLNRIADHPTLTFNEDFKIFLTAQAWELSSHAHHHHHH
;
_entity_poly.pdbx_strand_id   A,B
#
loop_
_chem_comp.id
_chem_comp.type
_chem_comp.name
_chem_comp.formula
GOL non-polymer GLYCEROL 'C3 H8 O3'
SO4 non-polymer 'SULFATE ION' 'O4 S -2'
#
# COMPACT_ATOMS: atom_id res chain seq x y z
N MET A 1 13.50 9.72 10.37
CA MET A 1 12.39 10.54 10.87
C MET A 1 11.08 10.00 10.34
N ASP A 2 10.01 10.31 11.03
CA ASP A 2 8.72 9.72 10.76
C ASP A 2 7.93 10.50 9.69
N GLU A 3 7.22 9.78 8.81
CA GLU A 3 6.25 10.39 7.90
C GLU A 3 4.88 10.22 8.57
N PRO A 4 4.26 11.29 8.98
CA PRO A 4 3.01 11.06 9.75
C PRO A 4 1.87 10.42 8.91
N ASP A 5 1.20 9.39 9.46
CA ASP A 5 0.08 8.67 8.83
C ASP A 5 -1.22 8.90 9.62
N LEU A 6 -2.35 8.97 8.93
CA LEU A 6 -3.65 9.19 9.58
C LEU A 6 -4.22 7.91 10.19
N LYS A 7 -3.54 6.78 9.99
CA LYS A 7 -3.97 5.49 10.52
CA LYS A 7 -3.98 5.50 10.55
C LYS A 7 -5.37 5.09 10.03
N ASP A 8 -5.65 5.47 8.78
CA ASP A 8 -6.86 5.04 8.09
C ASP A 8 -6.67 3.60 7.62
N LEU A 9 -7.76 2.84 7.66
CA LEU A 9 -7.82 1.53 7.01
C LEU A 9 -9.12 1.47 6.24
N PHE A 10 -9.04 0.96 5.04
CA PHE A 10 -10.17 0.67 4.21
C PHE A 10 -10.14 -0.81 3.88
N ILE A 11 -11.17 -1.53 4.32
CA ILE A 11 -11.20 -2.98 4.22
C ILE A 11 -12.39 -3.44 3.40
N THR A 12 -12.14 -4.35 2.46
CA THR A 12 -13.23 -5.03 1.74
C THR A 12 -13.15 -6.53 2.04
N VAL A 13 -14.30 -7.18 2.01
CA VAL A 13 -14.44 -8.60 2.20
C VAL A 13 -15.29 -9.12 1.05
N ASP A 14 -14.71 -9.98 0.20
CA ASP A 14 -15.36 -10.44 -1.00
C ASP A 14 -14.80 -11.78 -1.49
N GLU A 15 -15.21 -12.13 -2.70
CA GLU A 15 -14.73 -13.29 -3.40
C GLU A 15 -14.68 -14.52 -2.49
N PRO A 16 -15.82 -14.90 -1.92
CA PRO A 16 -15.80 -16.18 -1.18
C PRO A 16 -15.46 -17.33 -2.10
N GLU A 17 -14.62 -18.23 -1.62
CA GLU A 17 -14.16 -19.39 -2.38
C GLU A 17 -14.19 -20.64 -1.51
N SER A 18 -14.38 -21.79 -2.17
CA SER A 18 -14.24 -23.07 -1.51
C SER A 18 -12.80 -23.51 -1.53
N HIS A 19 -12.25 -23.77 -0.34
CA HIS A 19 -10.90 -24.27 -0.16
C HIS A 19 -11.03 -25.74 0.16
N VAL A 20 -10.66 -26.58 -0.81
CA VAL A 20 -10.73 -28.03 -0.65
C VAL A 20 -9.34 -28.55 -0.27
N THR A 21 -9.15 -28.89 0.99
CA THR A 21 -7.92 -29.52 1.39
C THR A 21 -8.17 -31.02 1.34
N THR A 22 -7.15 -31.79 1.66
CA THR A 22 -7.30 -33.23 1.66
C THR A 22 -8.27 -33.72 2.70
N ILE A 23 -8.44 -32.98 3.79
CA ILE A 23 -9.25 -33.47 4.90
C ILE A 23 -10.48 -32.63 5.23
N GLU A 24 -10.75 -31.59 4.44
CA GLU A 24 -11.83 -30.66 4.79
C GLU A 24 -12.06 -29.66 3.68
N THR A 25 -13.30 -29.30 3.47
CA THR A 25 -13.64 -28.22 2.55
C THR A 25 -14.29 -27.12 3.35
N PHE A 26 -13.83 -25.89 3.15
CA PHE A 26 -14.37 -24.75 3.91
C PHE A 26 -14.31 -23.51 3.06
N ILE A 27 -15.10 -22.53 3.46
CA ILE A 27 -15.22 -21.30 2.70
C ILE A 27 -14.21 -20.33 3.23
N THR A 28 -13.57 -19.61 2.31
CA THR A 28 -12.66 -18.51 2.68
C THR A 28 -13.13 -17.24 1.99
N TYR A 29 -12.70 -16.12 2.57
CA TYR A 29 -13.09 -14.75 2.18
C TYR A 29 -11.85 -13.99 1.87
N ARG A 30 -11.87 -13.25 0.76
CA ARG A 30 -10.76 -12.35 0.39
C ARG A 30 -10.87 -11.04 1.20
N ILE A 31 -9.83 -10.72 1.98
CA ILE A 31 -9.79 -9.48 2.72
CA ILE A 31 -9.77 -9.50 2.75
C ILE A 31 -8.70 -8.63 2.09
N ILE A 32 -9.08 -7.47 1.59
CA ILE A 32 -8.16 -6.47 1.02
C ILE A 32 -8.17 -5.26 1.92
N THR A 33 -6.99 -4.85 2.39
CA THR A 33 -6.87 -3.73 3.32
C THR A 33 -5.95 -2.71 2.68
N LYS A 34 -6.41 -1.47 2.61
CA LYS A 34 -5.64 -0.34 2.07
C LYS A 34 -5.55 0.74 3.13
N THR A 35 -4.45 1.48 3.14
CA THR A 35 -4.24 2.51 4.14
C THR A 35 -4.50 3.92 3.57
N SER A 36 -4.79 3.99 2.30
CA SER A 36 -5.01 5.24 1.58
C SER A 36 -5.97 5.05 0.41
N ARG A 37 -6.69 6.10 0.01
CA ARG A 37 -7.40 6.09 -1.26
C ARG A 37 -6.49 6.50 -2.42
N GLY A 38 -5.28 6.95 -2.12
CA GLY A 38 -4.33 7.34 -3.16
C GLY A 38 -3.58 6.20 -3.84
N GLU A 39 -2.92 6.54 -4.93
CA GLU A 39 -2.21 5.61 -5.79
C GLU A 39 -0.84 5.20 -5.15
N PHE A 40 -0.21 6.16 -4.49
CA PHE A 40 1.17 6.01 -4.05
C PHE A 40 1.32 6.15 -2.54
N ASP A 41 2.51 5.78 -2.05
CA ASP A 41 2.84 6.01 -0.64
C ASP A 41 1.79 5.41 0.30
N SER A 42 1.52 4.14 0.06
CA SER A 42 0.52 3.50 0.88
C SER A 42 0.74 1.98 0.95
N SER A 43 -0.04 1.35 1.83
CA SER A 43 0.01 -0.10 2.09
CA SER A 43 0.06 -0.10 1.98
C SER A 43 -1.23 -0.77 1.51
N GLU A 44 -1.06 -1.93 0.90
CA GLU A 44 -2.22 -2.73 0.49
C GLU A 44 -1.86 -4.20 0.62
N PHE A 45 -2.71 -4.97 1.31
CA PHE A 45 -2.48 -6.38 1.53
C PHE A 45 -3.77 -7.13 1.21
N GLU A 46 -3.59 -8.27 0.56
CA GLU A 46 -4.68 -9.18 0.28
C GLU A 46 -4.40 -10.53 0.98
N VAL A 47 -5.34 -10.95 1.78
CA VAL A 47 -5.26 -12.23 2.48
C VAL A 47 -6.58 -12.98 2.31
N ARG A 48 -6.56 -14.27 2.66
CA ARG A 48 -7.71 -15.15 2.63
C ARG A 48 -7.89 -15.77 4.00
N ARG A 49 -9.13 -15.68 4.51
CA ARG A 49 -9.43 -16.18 5.81
C ARG A 49 -10.73 -16.94 5.87
N ARG A 50 -10.71 -18.00 6.66
CA ARG A 50 -11.93 -18.72 7.01
C ARG A 50 -12.55 -18.16 8.28
N TYR A 51 -13.83 -18.44 8.51
CA TYR A 51 -14.55 -17.92 9.68
C TYR A 51 -13.82 -18.26 11.01
N GLN A 52 -13.26 -19.47 11.13
CA GLN A 52 -12.51 -19.82 12.35
C GLN A 52 -11.35 -18.85 12.61
N ASP A 53 -10.76 -18.31 11.54
CA ASP A 53 -9.66 -17.35 11.70
C ASP A 53 -10.17 -16.05 12.34
N PHE A 54 -11.38 -15.64 11.99
CA PHE A 54 -12.01 -14.47 12.62
C PHE A 54 -12.32 -14.73 14.07
N LEU A 55 -12.73 -15.95 14.40
CA LEU A 55 -12.95 -16.29 15.81
C LEU A 55 -11.67 -16.23 16.61
N TRP A 56 -10.57 -16.69 16.04
CA TRP A 56 -9.24 -16.55 16.65
C TRP A 56 -8.96 -15.08 16.97
N LEU A 57 -9.18 -14.23 16.00
CA LEU A 57 -8.91 -12.82 16.16
C LEU A 57 -9.79 -12.25 17.28
N LYS A 58 -11.09 -12.59 17.28
CA LYS A 58 -11.98 -12.05 18.28
C LYS A 58 -11.47 -12.40 19.66
N GLY A 59 -11.03 -13.63 19.84
CA GLY A 59 -10.54 -14.06 21.13
C GLY A 59 -9.29 -13.30 21.57
N LYS A 60 -8.38 -13.08 20.64
CA LYS A 60 -7.18 -12.31 20.95
C LYS A 60 -7.55 -10.90 21.38
N LEU A 61 -8.50 -10.30 20.69
CA LEU A 61 -8.91 -8.92 21.03
C LEU A 61 -9.60 -8.88 22.39
N GLU A 62 -10.40 -9.88 22.70
CA GLU A 62 -11.05 -9.98 24.01
C GLU A 62 -10.03 -10.06 25.14
N GLU A 63 -9.03 -10.91 24.95
CA GLU A 63 -7.98 -11.09 25.94
C GLU A 63 -7.17 -9.81 26.18
N ALA A 64 -6.93 -9.06 25.11
CA ALA A 64 -6.13 -7.83 25.19
C ALA A 64 -6.97 -6.66 25.74
N HIS A 65 -8.29 -6.74 25.64
CA HIS A 65 -9.19 -5.66 26.04
C HIS A 65 -10.36 -6.22 26.81
N PRO A 66 -10.09 -6.69 28.04
CA PRO A 66 -11.11 -7.42 28.76
C PRO A 66 -12.33 -6.61 29.18
N THR A 67 -12.24 -5.28 29.15
CA THR A 67 -13.38 -4.46 29.58
C THR A 67 -14.23 -3.98 28.41
N LEU A 68 -13.84 -4.36 27.20
CA LEU A 68 -14.64 -4.06 26.02
C LEU A 68 -15.53 -5.19 25.60
N ILE A 69 -16.62 -4.83 24.95
CA ILE A 69 -17.38 -5.84 24.24
C ILE A 69 -16.91 -5.79 22.81
N ILE A 70 -16.26 -6.85 22.41
CA ILE A 70 -15.70 -6.93 21.07
C ILE A 70 -16.87 -7.19 20.10
N PRO A 71 -16.83 -6.60 18.90
CA PRO A 71 -17.96 -6.80 17.98
C PRO A 71 -18.29 -8.28 17.77
N PRO A 72 -19.60 -8.61 17.70
CA PRO A 72 -20.01 -10.01 17.74
C PRO A 72 -19.84 -10.76 16.42
N LEU A 73 -19.73 -12.08 16.52
CA LEU A 73 -19.68 -12.98 15.39
C LEU A 73 -20.58 -14.20 15.69
N PRO A 74 -21.90 -14.02 15.64
CA PRO A 74 -22.77 -15.11 16.07
C PRO A 74 -22.77 -16.26 15.11
N GLU A 75 -22.93 -17.47 15.63
CA GLU A 75 -23.09 -18.66 14.81
C GLU A 75 -24.08 -19.59 15.52
N LYS A 76 -24.95 -20.22 14.73
CA LYS A 76 -25.85 -21.24 15.25
C LYS A 76 -25.28 -22.60 14.81
N PHE A 77 -25.22 -23.57 15.72
CA PHE A 77 -24.59 -24.88 15.44
C PHE A 77 -25.27 -25.64 14.29
N MET A 82 -24.51 -30.02 6.52
CA MET A 82 -23.35 -30.10 5.63
C MET A 82 -23.62 -29.42 4.29
N VAL A 83 -24.86 -28.99 4.07
CA VAL A 83 -25.25 -28.28 2.85
C VAL A 83 -25.29 -26.76 3.10
N GLU A 84 -25.87 -26.36 4.23
CA GLU A 84 -26.05 -24.93 4.51
C GLU A 84 -24.75 -24.11 4.56
N ARG A 85 -23.68 -24.75 4.95
CA ARG A 85 -22.38 -24.08 5.06
C ARG A 85 -21.89 -23.57 3.71
N PHE A 86 -22.39 -24.15 2.63
CA PHE A 86 -21.99 -23.73 1.29
C PHE A 86 -23.12 -23.00 0.54
N ASN A 87 -24.20 -22.69 1.26
CA ASN A 87 -25.36 -22.05 0.70
C ASN A 87 -25.06 -20.58 0.38
N ASP A 88 -25.61 -20.08 -0.72
CA ASP A 88 -25.28 -18.72 -1.18
C ASP A 88 -25.70 -17.67 -0.18
N ASP A 89 -26.91 -17.81 0.37
CA ASP A 89 -27.36 -16.86 1.41
C ASP A 89 -26.49 -16.89 2.65
N PHE A 90 -26.07 -18.09 3.05
CA PHE A 90 -25.30 -18.27 4.26
C PHE A 90 -23.98 -17.53 4.08
N ILE A 91 -23.37 -17.75 2.94
CA ILE A 91 -22.07 -17.15 2.65
C ILE A 91 -22.18 -15.64 2.50
N GLU A 92 -23.20 -15.15 1.81
CA GLU A 92 -23.32 -13.72 1.60
C GLU A 92 -23.68 -12.99 2.91
N THR A 93 -24.51 -13.62 3.75
CA THR A 93 -24.85 -13.07 5.06
C THR A 93 -23.56 -12.94 5.88
N ARG A 94 -22.77 -14.02 5.88
CA ARG A 94 -21.52 -14.02 6.57
C ARG A 94 -20.55 -13.00 6.01
N ARG A 95 -20.40 -12.92 4.70
CA ARG A 95 -19.48 -11.95 4.11
C ARG A 95 -19.78 -10.54 4.64
N LYS A 96 -21.06 -10.18 4.60
CA LYS A 96 -21.45 -8.84 5.07
C LYS A 96 -21.12 -8.65 6.54
N ALA A 97 -21.38 -9.68 7.34
CA ALA A 97 -21.15 -9.61 8.78
C ALA A 97 -19.67 -9.49 9.07
N LEU A 98 -18.85 -10.23 8.31
CA LEU A 98 -17.37 -10.15 8.46
C LEU A 98 -16.81 -8.78 8.08
N HIS A 99 -17.35 -8.19 7.01
CA HIS A 99 -17.00 -6.84 6.62
C HIS A 99 -17.34 -5.86 7.75
N LYS A 100 -18.55 -5.96 8.29
CA LYS A 100 -18.97 -5.09 9.39
C LYS A 100 -18.07 -5.23 10.62
N PHE A 101 -17.76 -6.49 10.95
CA PHE A 101 -16.87 -6.83 12.07
C PHE A 101 -15.51 -6.18 11.92
N LEU A 102 -14.89 -6.35 10.76
CA LEU A 102 -13.57 -5.80 10.51
C LEU A 102 -13.58 -4.26 10.49
N ASN A 103 -14.63 -3.66 9.94
CA ASN A 103 -14.74 -2.19 9.95
C ASN A 103 -14.86 -1.66 11.38
N ARG A 104 -15.62 -2.36 12.21
CA ARG A 104 -15.80 -1.94 13.61
C ARG A 104 -14.46 -1.99 14.34
N ILE A 105 -13.67 -3.03 14.12
CA ILE A 105 -12.34 -3.14 14.74
CA ILE A 105 -12.35 -3.12 14.76
C ILE A 105 -11.45 -2.01 14.20
N ALA A 106 -11.51 -1.79 12.89
CA ALA A 106 -10.60 -0.84 12.24
C ALA A 106 -10.87 0.58 12.74
N ASP A 107 -12.13 0.86 13.03
CA ASP A 107 -12.54 2.21 13.43
C ASP A 107 -12.36 2.43 14.91
N HIS A 108 -12.07 1.38 15.66
CA HIS A 108 -11.99 1.49 17.11
C HIS A 108 -10.59 1.93 17.57
N PRO A 109 -10.52 3.01 18.36
CA PRO A 109 -9.21 3.60 18.70
C PRO A 109 -8.18 2.77 19.45
N THR A 110 -8.57 1.68 20.14
CA THR A 110 -7.59 0.81 20.74
C THR A 110 -7.48 -0.49 19.94
N LEU A 111 -8.61 -1.01 19.48
CA LEU A 111 -8.53 -2.30 18.78
C LEU A 111 -7.75 -2.23 17.48
N THR A 112 -7.81 -1.09 16.80
CA THR A 112 -7.21 -0.97 15.47
C THR A 112 -5.69 -1.17 15.46
N PHE A 113 -5.04 -0.90 16.60
CA PHE A 113 -3.59 -1.06 16.78
C PHE A 113 -3.13 -2.39 17.40
N ASN A 114 -4.05 -3.31 17.61
CA ASN A 114 -3.70 -4.61 18.17
C ASN A 114 -2.79 -5.41 17.23
N GLU A 115 -1.75 -6.03 17.76
CA GLU A 115 -0.77 -6.74 16.92
C GLU A 115 -1.39 -7.94 16.18
N ASP A 116 -2.34 -8.62 16.81
CA ASP A 116 -2.95 -9.79 16.20
C ASP A 116 -3.93 -9.39 15.10
N PHE A 117 -4.55 -8.23 15.22
CA PHE A 117 -5.31 -7.64 14.11
C PHE A 117 -4.40 -7.39 12.90
N LYS A 118 -3.25 -6.76 13.14
CA LYS A 118 -2.29 -6.55 12.08
C LYS A 118 -1.88 -7.85 11.41
N ILE A 119 -1.53 -8.87 12.18
CA ILE A 119 -1.12 -10.19 11.65
C ILE A 119 -2.26 -10.80 10.84
N PHE A 120 -3.46 -10.68 11.38
CA PHE A 120 -4.68 -11.19 10.72
C PHE A 120 -4.86 -10.61 9.33
N LEU A 121 -4.59 -9.31 9.20
CA LEU A 121 -4.80 -8.60 7.93
C LEU A 121 -3.65 -8.76 6.92
N THR A 122 -2.53 -9.34 7.35
CA THR A 122 -1.30 -9.35 6.51
C THR A 122 -0.61 -10.70 6.28
N ALA A 123 -0.82 -11.67 7.16
CA ALA A 123 -0.10 -12.96 7.07
C ALA A 123 -0.49 -13.76 5.84
N GLN A 124 0.47 -14.49 5.27
CA GLN A 124 0.15 -15.35 4.13
C GLN A 124 -0.47 -14.54 2.98
N ALA A 125 0.15 -13.40 2.68
CA ALA A 125 -0.41 -12.47 1.72
C ALA A 125 -0.39 -13.06 0.32
N TRP A 126 -1.42 -12.73 -0.43
CA TRP A 126 -1.53 -13.08 -1.84
C TRP A 126 -1.09 -11.92 -2.73
N GLU A 127 -0.65 -12.24 -3.96
CA GLU A 127 -0.25 -11.20 -4.90
C GLU A 127 -1.43 -10.34 -5.34
N MET B 1 -2.21 31.50 -26.38
CA MET B 1 -1.00 31.16 -27.14
C MET B 1 0.04 30.57 -26.19
N ASP B 2 1.02 29.88 -26.74
CA ASP B 2 1.97 29.10 -25.94
C ASP B 2 3.21 29.90 -25.49
N GLU B 3 3.63 29.69 -24.23
CA GLU B 3 4.90 30.21 -23.76
C GLU B 3 5.90 29.07 -23.91
N PRO B 4 6.86 29.17 -24.78
CA PRO B 4 7.71 27.96 -25.02
C PRO B 4 8.59 27.59 -23.82
N ASP B 5 8.60 26.29 -23.45
CA ASP B 5 9.37 25.77 -22.32
C ASP B 5 10.47 24.85 -22.84
N LEU B 6 11.63 24.87 -22.18
CA LEU B 6 12.76 24.02 -22.57
C LEU B 6 12.54 22.55 -22.20
N LYS B 7 11.53 22.27 -21.39
CA LYS B 7 11.26 20.92 -20.93
C LYS B 7 12.40 20.37 -20.07
N ASP B 8 13.02 21.26 -19.31
CA ASP B 8 14.02 20.85 -18.32
C ASP B 8 13.30 20.34 -17.09
N LEU B 9 13.90 19.36 -16.42
CA LEU B 9 13.49 18.93 -15.10
C LEU B 9 14.74 18.78 -14.28
N PHE B 10 14.67 19.28 -13.05
CA PHE B 10 15.66 19.11 -12.04
C PHE B 10 15.03 18.37 -10.86
N ILE B 11 15.56 17.21 -10.53
CA ILE B 11 14.94 16.32 -9.55
C ILE B 11 15.92 16.04 -8.43
N THR B 12 15.45 16.13 -7.19
CA THR B 12 16.22 15.68 -6.06
C THR B 12 15.45 14.56 -5.33
N VAL B 13 16.20 13.67 -4.71
CA VAL B 13 15.64 12.58 -3.93
C VAL B 13 16.34 12.59 -2.57
N ASP B 14 15.59 12.87 -1.51
CA ASP B 14 16.19 13.01 -0.21
C ASP B 14 15.18 12.71 0.91
N GLU B 15 15.61 13.06 2.12
CA GLU B 15 14.82 12.93 3.35
C GLU B 15 14.06 11.61 3.40
N PRO B 16 14.77 10.50 3.40
CA PRO B 16 14.06 9.25 3.62
C PRO B 16 13.41 9.26 4.99
N GLU B 17 12.20 8.74 5.06
CA GLU B 17 11.40 8.69 6.30
C GLU B 17 10.74 7.34 6.43
N SER B 18 10.48 6.93 7.66
CA SER B 18 9.70 5.75 7.95
C SER B 18 8.22 6.13 8.02
N HIS B 19 7.41 5.46 7.17
CA HIS B 19 5.97 5.63 7.11
C HIS B 19 5.39 4.43 7.83
N VAL B 20 4.79 4.70 8.99
CA VAL B 20 4.23 3.65 9.84
C VAL B 20 2.73 3.68 9.65
N THR B 21 2.21 2.73 8.89
CA THR B 21 0.78 2.60 8.77
C THR B 21 0.36 1.56 9.79
N THR B 22 -0.95 1.39 9.93
CA THR B 22 -1.48 0.38 10.83
C THR B 22 -1.03 -1.02 10.49
N ILE B 23 -0.75 -1.31 9.21
CA ILE B 23 -0.46 -2.67 8.81
C ILE B 23 0.96 -2.90 8.27
N GLU B 24 1.79 -1.86 8.23
CA GLU B 24 3.11 -2.00 7.58
C GLU B 24 3.93 -0.75 7.87
N THR B 25 5.25 -0.92 7.95
CA THR B 25 6.18 0.18 8.03
C THR B 25 7.11 0.06 6.84
N PHE B 26 7.27 1.17 6.14
CA PHE B 26 8.12 1.22 4.95
C PHE B 26 8.77 2.57 4.79
N ILE B 27 9.84 2.59 4.00
CA ILE B 27 10.61 3.82 3.79
C ILE B 27 10.06 4.54 2.62
N THR B 28 9.94 5.85 2.75
CA THR B 28 9.60 6.71 1.63
C THR B 28 10.70 7.77 1.42
N TYR B 29 10.76 8.29 0.20
CA TYR B 29 11.75 9.22 -0.27
C TYR B 29 11.05 10.48 -0.74
N ARG B 30 11.60 11.63 -0.36
CA ARG B 30 11.06 12.92 -0.82
C ARG B 30 11.61 13.22 -2.22
N ILE B 31 10.68 13.38 -3.18
CA ILE B 31 11.04 13.71 -4.55
CA ILE B 31 11.06 13.73 -4.54
C ILE B 31 10.60 15.15 -4.81
N ILE B 32 11.55 16.03 -5.12
CA ILE B 32 11.27 17.42 -5.48
C ILE B 32 11.68 17.62 -6.94
N THR B 33 10.73 18.08 -7.74
CA THR B 33 10.93 18.31 -9.15
C THR B 33 10.69 19.77 -9.47
N LYS B 34 11.67 20.39 -10.13
CA LYS B 34 11.61 21.79 -10.54
C LYS B 34 11.79 21.84 -12.05
N THR B 35 11.13 22.80 -12.70
CA THR B 35 11.27 22.93 -14.14
C THR B 35 12.20 24.07 -14.55
N SER B 36 12.72 24.80 -13.58
CA SER B 36 13.61 25.93 -13.82
C SER B 36 14.53 26.13 -12.64
N ARG B 37 15.70 26.71 -12.90
CA ARG B 37 16.54 27.20 -11.79
C ARG B 37 16.14 28.59 -11.34
N GLY B 38 15.20 29.23 -12.03
CA GLY B 38 14.77 30.59 -11.67
C GLY B 38 13.74 30.63 -10.55
N GLU B 39 13.51 31.81 -10.01
CA GLU B 39 12.56 32.04 -8.94
C GLU B 39 11.06 32.01 -9.41
N PHE B 40 10.81 32.46 -10.64
CA PHE B 40 9.46 32.73 -11.12
C PHE B 40 9.13 31.92 -12.35
N ASP B 41 7.83 31.86 -12.68
CA ASP B 41 7.37 31.30 -13.95
C ASP B 41 7.89 29.87 -14.10
N SER B 42 7.62 29.09 -13.10
CA SER B 42 8.03 27.70 -13.18
C SER B 42 7.21 26.80 -12.27
N SER B 43 7.44 25.48 -12.39
CA SER B 43 6.71 24.43 -11.68
CA SER B 43 6.69 24.51 -11.61
C SER B 43 7.61 23.82 -10.62
N GLU B 44 7.07 23.56 -9.45
CA GLU B 44 7.79 22.80 -8.42
C GLU B 44 6.78 21.93 -7.68
N PHE B 45 7.10 20.65 -7.57
CA PHE B 45 6.24 19.69 -6.87
C PHE B 45 7.10 18.86 -5.94
N GLU B 46 6.56 18.60 -4.76
CA GLU B 46 7.13 17.74 -3.78
C GLU B 46 6.19 16.57 -3.52
N VAL B 47 6.69 15.36 -3.69
CA VAL B 47 5.91 14.16 -3.40
C VAL B 47 6.77 13.18 -2.58
N ARG B 48 6.10 12.18 -2.02
CA ARG B 48 6.76 11.11 -1.27
C ARG B 48 6.40 9.77 -1.86
N ARG B 49 7.41 8.92 -2.09
CA ARG B 49 7.23 7.67 -2.76
C ARG B 49 8.04 6.55 -2.13
N ARG B 50 7.45 5.38 -2.06
CA ARG B 50 8.15 4.18 -1.63
C ARG B 50 8.72 3.47 -2.85
N TYR B 51 9.68 2.58 -2.62
CA TYR B 51 10.31 1.81 -3.68
C TYR B 51 9.31 1.10 -4.59
N GLN B 52 8.24 0.54 -4.03
CA GLN B 52 7.22 -0.15 -4.86
C GLN B 52 6.59 0.82 -5.88
N ASP B 53 6.53 2.10 -5.53
CA ASP B 53 5.97 3.10 -6.42
C ASP B 53 6.86 3.30 -7.64
N PHE B 54 8.16 3.25 -7.42
CA PHE B 54 9.12 3.34 -8.52
C PHE B 54 9.02 2.11 -9.41
N LEU B 55 8.77 0.92 -8.83
CA LEU B 55 8.58 -0.28 -9.64
C LEU B 55 7.35 -0.18 -10.51
N TRP B 56 6.30 0.42 -9.97
CA TRP B 56 5.08 0.67 -10.75
C TRP B 56 5.43 1.51 -11.97
N LEU B 57 6.14 2.59 -11.71
CA LEU B 57 6.53 3.52 -12.77
C LEU B 57 7.37 2.78 -13.84
N LYS B 58 8.37 2.01 -13.40
CA LYS B 58 9.24 1.29 -14.32
C LYS B 58 8.37 0.42 -15.23
N GLY B 59 7.37 -0.25 -14.66
CA GLY B 59 6.53 -1.15 -15.45
C GLY B 59 5.72 -0.40 -16.49
N LYS B 60 5.19 0.76 -16.08
CA LYS B 60 4.44 1.60 -17.00
C LYS B 60 5.30 2.04 -18.15
N LEU B 61 6.52 2.43 -17.86
CA LEU B 61 7.42 2.94 -18.92
C LEU B 61 7.82 1.81 -19.87
N GLU B 62 8.04 0.62 -19.35
CA GLU B 62 8.36 -0.57 -20.18
C GLU B 62 7.24 -0.89 -21.15
N GLU B 63 6.01 -0.88 -20.65
CA GLU B 63 4.84 -1.14 -21.47
C GLU B 63 4.63 -0.12 -22.58
N ALA B 64 4.89 1.14 -22.29
CA ALA B 64 4.74 2.22 -23.27
C ALA B 64 5.90 2.24 -24.29
N HIS B 65 7.03 1.68 -23.90
CA HIS B 65 8.26 1.72 -24.72
C HIS B 65 8.91 0.36 -24.76
N PRO B 66 8.26 -0.58 -25.46
CA PRO B 66 8.69 -1.96 -25.37
C PRO B 66 10.03 -2.25 -25.98
N THR B 67 10.53 -1.37 -26.85
CA THR B 67 11.85 -1.63 -27.45
C THR B 67 13.00 -0.94 -26.73
N LEU B 68 12.71 -0.26 -25.63
CA LEU B 68 13.75 0.35 -24.82
C LEU B 68 14.17 -0.51 -23.65
N ILE B 69 15.41 -0.35 -23.19
CA ILE B 69 15.74 -0.89 -21.89
C ILE B 69 15.57 0.26 -20.89
N ILE B 70 14.60 0.11 -20.02
CA ILE B 70 14.30 1.16 -19.07
C ILE B 70 15.36 1.11 -17.98
N PRO B 71 15.77 2.26 -17.43
CA PRO B 71 16.83 2.17 -16.39
C PRO B 71 16.50 1.20 -15.26
N PRO B 72 17.51 0.46 -14.78
CA PRO B 72 17.22 -0.61 -13.87
C PRO B 72 16.99 -0.17 -12.43
N LEU B 73 16.29 -1.03 -11.71
CA LEU B 73 16.03 -0.90 -10.30
C LEU B 73 16.24 -2.27 -9.60
N PRO B 74 17.49 -2.71 -9.46
CA PRO B 74 17.75 -4.05 -8.91
C PRO B 74 17.41 -4.14 -7.45
N GLU B 75 16.91 -5.30 -7.04
CA GLU B 75 16.69 -5.61 -5.64
C GLU B 75 17.03 -7.09 -5.42
N LYS B 76 17.68 -7.40 -4.29
CA LYS B 76 17.89 -8.78 -3.89
C LYS B 76 16.85 -9.09 -2.80
N PHE B 77 16.05 -10.14 -2.98
CA PHE B 77 15.16 -10.62 -1.91
C PHE B 77 15.88 -11.67 -1.08
N MET B 82 14.25 -8.16 7.94
CA MET B 82 13.41 -7.17 8.61
C MET B 82 14.21 -6.03 9.25
N VAL B 83 15.53 -6.20 9.38
CA VAL B 83 16.37 -5.11 9.87
C VAL B 83 17.00 -4.36 8.67
N GLU B 84 17.49 -5.10 7.68
CA GLU B 84 18.22 -4.47 6.57
C GLU B 84 17.43 -3.38 5.84
N ARG B 85 16.12 -3.58 5.79
CA ARG B 85 15.25 -2.66 5.05
C ARG B 85 15.29 -1.25 5.65
N PHE B 86 15.67 -1.13 6.94
CA PHE B 86 15.74 0.15 7.61
C PHE B 86 17.19 0.60 7.90
N ASN B 87 18.15 -0.12 7.36
CA ASN B 87 19.56 0.13 7.59
C ASN B 87 20.01 1.38 6.83
N ASP B 88 20.90 2.15 7.44
CA ASP B 88 21.29 3.43 6.88
C ASP B 88 21.95 3.29 5.49
N ASP B 89 22.87 2.33 5.38
CA ASP B 89 23.48 2.01 4.08
C ASP B 89 22.48 1.56 3.01
N PHE B 90 21.52 0.72 3.39
CA PHE B 90 20.53 0.26 2.47
C PHE B 90 19.78 1.46 1.92
N ILE B 91 19.32 2.29 2.84
CA ILE B 91 18.51 3.45 2.44
C ILE B 91 19.31 4.45 1.62
N GLU B 92 20.55 4.76 2.00
CA GLU B 92 21.30 5.76 1.29
C GLU B 92 21.68 5.21 -0.12
N THR B 93 21.98 3.91 -0.21
CA THR B 93 22.33 3.31 -1.48
C THR B 93 21.13 3.44 -2.41
N ARG B 94 19.96 3.14 -1.87
CA ARG B 94 18.73 3.19 -2.64
C ARG B 94 18.42 4.61 -3.04
N ARG B 95 18.53 5.53 -2.10
CA ARG B 95 18.29 6.95 -2.41
C ARG B 95 19.09 7.41 -3.65
N LYS B 96 20.38 7.12 -3.62
CA LYS B 96 21.24 7.44 -4.76
C LYS B 96 20.78 6.80 -6.04
N ALA B 97 20.40 5.53 -5.97
CA ALA B 97 19.97 4.78 -7.14
C ALA B 97 18.66 5.33 -7.69
N LEU B 98 17.77 5.74 -6.80
CA LEU B 98 16.47 6.32 -7.21
C LEU B 98 16.64 7.68 -7.86
N HIS B 99 17.56 8.49 -7.34
CA HIS B 99 17.89 9.74 -7.92
C HIS B 99 18.42 9.53 -9.36
N LYS B 100 19.36 8.58 -9.51
CA LYS B 100 19.93 8.27 -10.83
C LYS B 100 18.88 7.80 -11.82
N PHE B 101 18.03 6.91 -11.36
CA PHE B 101 16.90 6.37 -12.16
C PHE B 101 16.01 7.51 -12.65
N LEU B 102 15.55 8.36 -11.75
CA LEU B 102 14.72 9.49 -12.14
C LEU B 102 15.40 10.47 -13.10
N ASN B 103 16.69 10.72 -12.88
CA ASN B 103 17.43 11.63 -13.78
C ASN B 103 17.52 11.01 -15.17
N ARG B 104 17.69 9.69 -15.23
CA ARG B 104 17.82 9.00 -16.51
C ARG B 104 16.51 9.09 -17.28
N ILE B 105 15.38 8.97 -16.57
CA ILE B 105 14.07 9.05 -17.23
C ILE B 105 13.86 10.49 -17.70
N ALA B 106 14.21 11.46 -16.85
CA ALA B 106 13.95 12.88 -17.13
C ALA B 106 14.73 13.34 -18.34
N ASP B 107 15.93 12.80 -18.49
CA ASP B 107 16.85 13.19 -19.56
C ASP B 107 16.55 12.48 -20.88
N HIS B 108 15.70 11.47 -20.86
CA HIS B 108 15.45 10.66 -22.05
C HIS B 108 14.36 11.30 -22.89
N PRO B 109 14.60 11.49 -24.18
CA PRO B 109 13.66 12.26 -25.02
C PRO B 109 12.26 11.71 -25.25
N THR B 110 12.00 10.43 -24.99
CA THR B 110 10.64 9.92 -25.07
C THR B 110 10.13 9.65 -23.64
N LEU B 111 10.95 9.09 -22.77
CA LEU B 111 10.40 8.69 -21.47
C LEU B 111 9.97 9.92 -20.65
N THR B 112 10.64 11.04 -20.87
CA THR B 112 10.40 12.22 -20.04
C THR B 112 8.98 12.80 -20.20
N PHE B 113 8.31 12.50 -21.32
CA PHE B 113 6.94 12.98 -21.58
C PHE B 113 5.84 11.94 -21.28
N ASN B 114 6.22 10.81 -20.71
CA ASN B 114 5.26 9.80 -20.35
C ASN B 114 4.29 10.29 -19.28
N GLU B 115 2.99 10.02 -19.46
CA GLU B 115 1.96 10.53 -18.55
C GLU B 115 2.10 9.97 -17.15
N ASP B 116 2.46 8.69 -17.05
CA ASP B 116 2.62 8.05 -15.73
C ASP B 116 3.85 8.57 -14.97
N PHE B 117 4.88 8.99 -15.69
CA PHE B 117 6.00 9.71 -15.10
C PHE B 117 5.51 11.02 -14.49
N LYS B 118 4.72 11.76 -15.27
CA LYS B 118 4.16 13.01 -14.76
C LYS B 118 3.35 12.79 -13.50
N ILE B 119 2.44 11.84 -13.52
CA ILE B 119 1.60 11.52 -12.35
C ILE B 119 2.49 11.12 -11.18
N PHE B 120 3.49 10.28 -11.44
CA PHE B 120 4.45 9.85 -10.42
C PHE B 120 5.11 11.03 -9.70
N LEU B 121 5.44 12.08 -10.45
CA LEU B 121 6.17 13.21 -9.89
C LEU B 121 5.26 14.25 -9.23
N THR B 122 3.94 14.13 -9.40
CA THR B 122 3.00 15.17 -8.97
C THR B 122 1.84 14.78 -8.08
N ALA B 123 1.44 13.51 -8.10
CA ALA B 123 0.27 13.11 -7.36
C ALA B 123 0.50 13.16 -5.85
N GLN B 124 -0.57 13.49 -5.14
CA GLN B 124 -0.53 13.52 -3.67
C GLN B 124 0.55 14.48 -3.18
N ALA B 125 0.65 15.64 -3.81
CA ALA B 125 1.69 16.61 -3.52
C ALA B 125 1.61 17.15 -2.08
N TRP B 126 2.78 17.41 -1.55
CA TRP B 126 2.98 17.99 -0.25
C TRP B 126 3.24 19.49 -0.39
N GLU B 127 2.93 20.24 0.65
CA GLU B 127 3.21 21.70 0.65
C GLU B 127 4.71 21.98 0.66
C1 GOL C . -6.53 -19.24 13.18
O1 GOL C . -7.65 -20.09 13.11
C2 GOL C . -5.36 -19.95 13.87
O2 GOL C . -5.80 -20.92 14.80
C3 GOL C . -4.48 -18.96 14.57
O3 GOL C . -3.28 -19.55 15.04
S SO4 D . -15.49 -22.32 9.23
O1 SO4 D . -15.28 -23.78 9.28
O2 SO4 D . -16.33 -21.89 8.13
O3 SO4 D . -16.24 -21.95 10.44
O4 SO4 D . -14.20 -21.63 9.23
S SO4 E . -2.11 -18.58 19.35
O1 SO4 E . -1.19 -19.71 19.19
O2 SO4 E . -1.95 -17.71 18.20
O3 SO4 E . -3.49 -19.06 19.48
O4 SO4 E . -1.75 -17.85 20.56
S SO4 F . -15.62 -31.97 3.99
O1 SO4 F . -14.62 -32.12 2.93
O2 SO4 F . -16.95 -32.06 3.34
O3 SO4 F . -15.46 -33.07 4.93
O4 SO4 F . -15.49 -30.77 4.77
S SO4 G . -21.12 -4.78 2.29
O1 SO4 G . -20.16 -5.76 2.83
O2 SO4 G . -21.82 -5.34 1.10
O3 SO4 G . -22.09 -4.54 3.36
O4 SO4 G . -20.41 -3.58 1.89
S SO4 H . -3.17 -4.12 22.40
O1 SO4 H . -2.41 -5.35 22.68
O2 SO4 H . -3.47 -3.51 23.72
O3 SO4 H . -4.33 -4.35 21.62
O4 SO4 H . -2.35 -3.15 21.63
S SO4 I . -10.56 -8.63 -8.88
O1 SO4 I . -10.54 -10.09 -8.93
O2 SO4 I . -10.80 -8.10 -10.21
O3 SO4 I . -11.64 -8.17 -8.01
O4 SO4 I . -9.29 -8.12 -8.35
C1 GOL J . -3.85 14.29 -5.42
O1 GOL J . -3.29 13.51 -6.44
C2 GOL J . -3.57 15.72 -5.81
O2 GOL J . -4.72 16.45 -5.49
C3 GOL J . -2.34 16.34 -5.13
O3 GOL J . -1.28 16.58 -6.05
S SO4 K . -2.52 1.03 -12.75
O1 SO4 K . -1.57 -0.01 -12.36
O2 SO4 K . -2.99 0.75 -14.11
O3 SO4 K . -3.67 1.04 -11.84
O4 SO4 K . -1.90 2.35 -12.73
S SO4 L . 9.29 -1.09 -0.44
O1 SO4 L . 9.87 -1.93 -1.49
O2 SO4 L . 8.41 -0.08 -1.04
O3 SO4 L . 8.51 -1.95 0.44
O4 SO4 L . 10.40 -0.49 0.27
S SO4 M . 23.25 11.88 -5.30
O1 SO4 M . 23.98 10.97 -6.18
O2 SO4 M . 23.22 13.27 -5.76
O3 SO4 M . 21.86 11.42 -5.27
O4 SO4 M . 23.80 11.86 -3.92
S SO4 N . 6.05 -4.02 9.65
O1 SO4 N . 7.31 -4.35 10.32
O2 SO4 N . 6.34 -3.65 8.27
O3 SO4 N . 5.18 -5.19 9.60
O4 SO4 N . 5.37 -2.97 10.41
S SO4 O . 13.88 21.23 3.93
O1 SO4 O . 14.82 20.96 2.83
O2 SO4 O . 12.64 21.77 3.38
O3 SO4 O . 13.61 20.03 4.71
O4 SO4 O . 14.49 22.21 4.82
#